data_8FUA
#
_entry.id   8FUA
#
_cell.length_a   78.488
_cell.length_b   89.859
_cell.length_c   99.829
_cell.angle_alpha   90.000
_cell.angle_beta   90.000
_cell.angle_gamma   90.000
#
_symmetry.space_group_name_H-M   'P 21 21 21'
#
loop_
_entity.id
_entity.type
_entity.pdbx_description
1 polymer 'Importin subunit alpha-1'
2 polymer 'Matrix protein'
3 water water
#
loop_
_entity_poly.entity_id
_entity_poly.type
_entity_poly.pdbx_seq_one_letter_code
_entity_poly.pdbx_strand_id
1 'polypeptide(L)'
;MHHHHHHSSGLVPRGSGMLETAAALFERNHMDSPDLGTDDDDLAMADIGSNQGTVNWSVEDIVKGINSNNLESQLQATQA
ARKLLSREKQPPIDNIIRAGLIPKFVSFLGKTDCSPIQFESAWALTNIASGTSEQTKAVVDGGAIPAFISLLASPHAHIS
EQAVWALGNIAGDGSAFRDLVIKHGAIDPLLALLAVPDLSTLACGYLRNLTWTLSNLCRNKNPAPPLDAVEQILPTLVRL
LHHNDPEVLADSCWAISYLTDGPNERIEMVVKKGVVPQLVKLLGATELPIVTPALRAIGNIVTGTDEQTQKVIDAGALAV
FPSLLTNPKTNIQKEATWTMSNITAGRQDQIQQVVNHGLVPFLVGVLSKADFKTQKEAAWAITNYTSGGTVEQIVYLVHC
GIIEPLMNLLSAKDTKIIQVILDAISNIFQAAEKLGETEKLSIMIEECGGLDKIEALQRHENESVYKASLNLIEKYFSVE
EEEDQNVVPETTSEGFAFQVQDGAPGTFNF
;
A
2 'polypeptide(L)' SGKRKKIRTIAAYPLGVGKS B,C
#
# COMPACT_ATOMS: atom_id res chain seq x y z
N VAL A 55 22.42 32.48 -5.44
CA VAL A 55 22.68 31.80 -4.16
C VAL A 55 22.46 32.72 -2.93
N ASN A 56 21.68 32.21 -1.98
CA ASN A 56 21.43 32.87 -0.71
C ASN A 56 20.77 34.24 -0.88
N TRP A 57 19.89 34.41 -1.88
CA TRP A 57 19.19 35.68 -1.98
C TRP A 57 18.12 35.79 -0.90
N SER A 58 17.82 37.03 -0.52
CA SER A 58 16.66 37.29 0.31
C SER A 58 15.38 37.25 -0.50
N VAL A 59 14.26 36.94 0.16
CA VAL A 59 12.97 36.97 -0.52
C VAL A 59 12.70 38.34 -1.09
N GLU A 60 13.12 39.39 -0.36
CA GLU A 60 12.94 40.74 -0.86
C GLU A 60 13.66 40.94 -2.20
N ASP A 61 14.88 40.45 -2.33
CA ASP A 61 15.59 40.59 -3.62
C ASP A 61 14.94 39.75 -4.72
N ILE A 62 14.43 38.57 -4.36
CA ILE A 62 13.74 37.76 -5.35
C ILE A 62 12.55 38.52 -5.88
N VAL A 63 11.78 39.13 -4.97
CA VAL A 63 10.61 39.87 -5.41
C VAL A 63 11.01 41.00 -6.32
N LYS A 64 12.06 41.71 -5.93
CA LYS A 64 12.53 42.85 -6.74
C LYS A 64 12.85 42.41 -8.16
N GLY A 65 13.59 41.31 -8.30
CA GLY A 65 13.92 40.83 -9.63
C GLY A 65 12.71 40.32 -10.41
N ILE A 66 11.83 39.60 -9.72
CA ILE A 66 10.67 39.05 -10.43
C ILE A 66 9.75 40.17 -10.88
N ASN A 67 9.69 41.28 -10.15
CA ASN A 67 8.86 42.42 -10.52
C ASN A 67 9.52 43.37 -11.51
N SER A 68 10.77 43.12 -11.90
CA SER A 68 11.40 43.96 -12.90
C SER A 68 10.73 43.70 -14.23
N ASN A 69 10.89 44.61 -15.16
CA ASN A 69 10.32 44.31 -16.47
C ASN A 69 11.33 43.63 -17.41
N ASN A 70 12.23 42.82 -16.86
CA ASN A 70 13.43 42.37 -17.57
C ASN A 70 13.46 40.87 -17.42
N LEU A 71 13.20 40.16 -18.54
CA LEU A 71 13.05 38.70 -18.48
C LEU A 71 14.28 38.04 -17.94
N GLU A 72 15.46 38.61 -18.22
CA GLU A 72 16.67 37.99 -17.70
C GLU A 72 16.82 38.24 -16.22
N SER A 73 16.48 39.46 -15.72
CA SER A 73 16.42 39.69 -14.29
C SER A 73 15.41 38.76 -13.61
N GLN A 74 14.28 38.53 -14.29
CA GLN A 74 13.24 37.61 -13.75
C GLN A 74 13.75 36.17 -13.68
N LEU A 75 14.49 35.75 -14.72
CA LEU A 75 15.08 34.43 -14.73
C LEU A 75 16.05 34.28 -13.57
N GLN A 76 16.91 35.30 -13.35
CA GLN A 76 17.88 35.15 -12.29
C GLN A 76 17.20 35.09 -10.93
N ALA A 77 16.16 35.90 -10.73
CA ALA A 77 15.47 35.87 -9.44
C ALA A 77 14.70 34.55 -9.25
N THR A 78 14.16 34.00 -10.31
CA THR A 78 13.45 32.71 -10.23
C THR A 78 14.40 31.58 -9.92
N GLN A 79 15.58 31.58 -10.54
CA GLN A 79 16.58 30.60 -10.15
C GLN A 79 16.98 30.78 -8.68
N ALA A 80 17.11 32.01 -8.23
CA ALA A 80 17.43 32.21 -6.80
C ALA A 80 16.32 31.65 -5.88
N ALA A 81 15.05 31.86 -6.25
CA ALA A 81 13.94 31.23 -5.51
C ALA A 81 14.03 29.70 -5.54
N ARG A 82 14.37 29.14 -6.69
CA ARG A 82 14.52 27.70 -6.79
C ARG A 82 15.62 27.19 -5.86
N LYS A 83 16.73 27.92 -5.78
CA LYS A 83 17.80 27.49 -4.88
C LYS A 83 17.37 27.60 -3.43
N LEU A 84 16.70 28.69 -3.05
CA LEU A 84 16.18 28.78 -1.69
C LEU A 84 15.24 27.60 -1.39
N LEU A 85 14.38 27.26 -2.35
CA LEU A 85 13.40 26.18 -2.13
C LEU A 85 14.01 24.80 -2.19
N SER A 86 15.23 24.69 -2.65
CA SER A 86 15.94 23.44 -2.80
C SER A 86 16.87 23.11 -1.65
N ARG A 87 16.98 23.97 -0.65
CA ARG A 87 17.94 23.78 0.43
C ARG A 87 17.44 22.69 1.37
N GLU A 88 18.38 21.94 1.93
CA GLU A 88 18.03 20.69 2.61
C GLU A 88 17.16 20.95 3.83
N LYS A 89 17.40 22.03 4.56
CA LYS A 89 16.73 22.28 5.83
C LYS A 89 15.80 23.49 5.74
N GLN A 90 14.55 23.27 6.13
CA GLN A 90 13.55 24.33 6.29
C GLN A 90 13.44 25.29 5.09
N PRO A 91 13.12 24.78 3.90
CA PRO A 91 12.95 25.68 2.75
C PRO A 91 11.81 26.66 3.01
N PRO A 92 11.99 27.93 2.72
CA PRO A 92 11.00 28.94 3.14
C PRO A 92 9.77 28.98 2.25
N ILE A 93 9.03 27.86 2.22
CA ILE A 93 7.88 27.79 1.34
C ILE A 93 6.90 28.92 1.66
N ASP A 94 6.51 29.05 2.95
CA ASP A 94 5.45 30.02 3.26
C ASP A 94 5.89 31.45 2.97
N ASN A 95 7.16 31.77 3.18
CA ASN A 95 7.62 33.12 2.87
C ASN A 95 7.49 33.43 1.38
N ILE A 96 7.80 32.43 0.53
CA ILE A 96 7.62 32.62 -0.92
C ILE A 96 6.16 32.78 -1.26
N ILE A 97 5.30 31.94 -0.68
CA ILE A 97 3.88 32.10 -0.95
C ILE A 97 3.44 33.49 -0.54
N ARG A 98 3.77 33.87 0.68
CA ARG A 98 3.29 35.15 1.22
C ARG A 98 3.83 36.34 0.43
N ALA A 99 5.00 36.21 -0.21
CA ALA A 99 5.47 37.28 -1.10
C ALA A 99 4.64 37.42 -2.37
N GLY A 100 3.67 36.52 -2.62
CA GLY A 100 2.88 36.64 -3.81
C GLY A 100 3.49 36.06 -5.08
N LEU A 101 4.49 35.20 -5.00
CA LEU A 101 5.25 34.83 -6.17
C LEU A 101 4.61 33.69 -7.00
N ILE A 102 3.64 32.97 -6.47
CA ILE A 102 3.12 31.82 -7.24
C ILE A 102 2.56 32.27 -8.58
N PRO A 103 1.68 33.30 -8.66
CA PRO A 103 1.17 33.66 -9.99
C PRO A 103 2.23 34.02 -11.02
N LYS A 104 3.30 34.68 -10.57
CA LYS A 104 4.41 34.99 -11.47
C LYS A 104 5.07 33.70 -11.98
N PHE A 105 5.40 32.79 -11.06
CA PHE A 105 5.94 31.49 -11.46
C PHE A 105 5.02 30.81 -12.47
N VAL A 106 3.72 30.79 -12.16
CA VAL A 106 2.78 30.15 -13.09
C VAL A 106 2.85 30.82 -14.46
N SER A 107 2.93 32.15 -14.53
CA SER A 107 2.98 32.78 -15.86
C SER A 107 4.31 32.46 -16.55
N PHE A 108 5.36 32.24 -15.80
CA PHE A 108 6.66 31.91 -16.40
C PHE A 108 6.60 30.53 -17.03
N LEU A 109 5.75 29.63 -16.49
CA LEU A 109 5.64 28.29 -17.09
C LEU A 109 5.23 28.39 -18.56
N GLY A 110 4.55 29.46 -18.93
CA GLY A 110 4.07 29.64 -20.28
C GLY A 110 5.04 30.34 -21.20
N LYS A 111 6.27 30.64 -20.78
CA LYS A 111 7.21 31.39 -21.64
C LYS A 111 8.02 30.43 -22.52
N THR A 112 7.39 29.98 -23.60
CA THR A 112 8.02 29.02 -24.50
C THR A 112 9.33 29.56 -25.07
N ASP A 113 9.42 30.87 -25.30
CA ASP A 113 10.66 31.43 -25.83
C ASP A 113 11.78 31.51 -24.82
N CYS A 114 11.52 31.27 -23.53
CA CYS A 114 12.59 31.23 -22.52
C CYS A 114 12.52 29.94 -21.69
N SER A 115 12.97 28.83 -22.29
CA SER A 115 12.92 27.54 -21.61
C SER A 115 13.62 27.54 -20.25
N PRO A 116 14.74 28.20 -20.03
CA PRO A 116 15.32 28.16 -18.68
C PRO A 116 14.36 28.68 -17.60
N ILE A 117 13.55 29.69 -17.90
CA ILE A 117 12.72 30.25 -16.84
C ILE A 117 11.49 29.29 -16.65
N GLN A 118 11.08 28.60 -17.71
CA GLN A 118 10.08 27.53 -17.58
C GLN A 118 10.56 26.49 -16.61
N PHE A 119 11.80 26.08 -16.74
CA PHE A 119 12.36 25.05 -15.88
C PHE A 119 12.47 25.51 -14.45
N GLU A 120 13.13 26.67 -14.22
CA GLU A 120 13.30 27.18 -12.87
C GLU A 120 11.95 27.38 -12.16
N SER A 121 10.95 27.96 -12.85
CA SER A 121 9.66 28.14 -12.21
C SER A 121 8.96 26.79 -12.00
N ALA A 122 9.15 25.83 -12.90
CA ALA A 122 8.57 24.48 -12.65
C ALA A 122 9.14 23.83 -11.40
N TRP A 123 10.46 23.92 -11.22
CA TRP A 123 11.13 23.37 -10.05
C TRP A 123 10.71 24.09 -8.77
N ALA A 124 10.70 25.43 -8.82
CA ALA A 124 10.19 26.18 -7.67
C ALA A 124 8.77 25.73 -7.27
N LEU A 125 7.87 25.62 -8.25
CA LEU A 125 6.48 25.31 -7.95
C LEU A 125 6.35 23.87 -7.50
N THR A 126 7.16 22.94 -8.06
CA THR A 126 7.22 21.56 -7.58
C THR A 126 7.51 21.53 -6.09
N ASN A 127 8.44 22.37 -5.65
CA ASN A 127 8.87 22.28 -4.26
C ASN A 127 7.85 22.94 -3.34
N ILE A 128 7.21 23.98 -3.80
CA ILE A 128 6.08 24.53 -3.02
C ILE A 128 4.97 23.48 -2.92
N ALA A 129 4.64 22.83 -4.02
CA ALA A 129 3.59 21.80 -4.01
C ALA A 129 3.94 20.53 -3.24
N SER A 130 5.20 20.37 -2.88
CA SER A 130 5.65 19.22 -2.11
C SER A 130 5.32 19.34 -0.62
N GLY A 131 4.77 20.46 -0.20
CA GLY A 131 4.58 20.72 1.22
C GLY A 131 3.22 20.28 1.74
N THR A 132 2.63 21.10 2.60
CA THR A 132 1.33 20.79 3.19
C THR A 132 0.20 20.92 2.17
N SER A 133 -0.99 20.46 2.53
CA SER A 133 -2.12 20.65 1.65
C SER A 133 -2.35 22.12 1.34
N GLU A 134 -2.16 23.01 2.33
CA GLU A 134 -2.36 24.44 2.08
C GLU A 134 -1.34 24.98 1.05
N GLN A 135 -0.11 24.53 1.13
CA GLN A 135 0.92 24.92 0.16
C GLN A 135 0.61 24.36 -1.23
N THR A 136 0.16 23.09 -1.31
CA THR A 136 -0.19 22.55 -2.61
C THR A 136 -1.35 23.32 -3.18
N LYS A 137 -2.32 23.64 -2.32
CA LYS A 137 -3.48 24.39 -2.76
C LYS A 137 -3.07 25.71 -3.34
N ALA A 138 -2.09 26.37 -2.74
CA ALA A 138 -1.66 27.70 -3.25
C ALA A 138 -1.17 27.56 -4.68
N VAL A 139 -0.47 26.45 -4.98
CA VAL A 139 -0.02 26.22 -6.36
C VAL A 139 -1.21 25.96 -7.29
N VAL A 140 -2.12 25.09 -6.90
CA VAL A 140 -3.29 24.85 -7.71
C VAL A 140 -4.09 26.13 -7.92
N ASP A 141 -4.27 26.91 -6.86
CA ASP A 141 -5.06 28.15 -6.97
C ASP A 141 -4.42 29.18 -7.89
N GLY A 142 -3.11 29.06 -8.13
CA GLY A 142 -2.44 29.90 -9.07
C GLY A 142 -2.64 29.56 -10.51
N GLY A 143 -3.37 28.47 -10.82
CA GLY A 143 -3.54 28.09 -12.19
C GLY A 143 -2.50 27.09 -12.68
N ALA A 144 -1.77 26.44 -11.78
CA ALA A 144 -0.64 25.67 -12.23
C ALA A 144 -1.04 24.39 -12.95
N ILE A 145 -2.21 23.80 -12.66
CA ILE A 145 -2.46 22.49 -13.24
C ILE A 145 -2.42 22.53 -14.77
N PRO A 146 -3.22 23.36 -15.44
CA PRO A 146 -3.17 23.33 -16.91
C PRO A 146 -1.85 23.79 -17.47
N ALA A 147 -1.15 24.68 -16.78
CA ALA A 147 0.17 25.12 -17.27
C ALA A 147 1.19 23.98 -17.23
N PHE A 148 1.15 23.16 -16.17
CA PHE A 148 2.04 21.98 -16.13
C PHE A 148 1.67 20.96 -17.19
N ILE A 149 0.35 20.71 -17.38
CA ILE A 149 -0.08 19.78 -18.40
C ILE A 149 0.40 20.21 -19.78
N SER A 150 0.34 21.50 -20.08
CA SER A 150 0.94 22.01 -21.33
C SER A 150 2.44 21.76 -21.39
N LEU A 151 3.13 21.77 -20.28
CA LEU A 151 4.57 21.51 -20.36
C LEU A 151 4.92 20.05 -20.56
N LEU A 152 3.96 19.13 -20.34
CA LEU A 152 4.28 17.75 -20.62
C LEU A 152 4.73 17.55 -22.07
N ALA A 153 4.26 18.38 -22.99
CA ALA A 153 4.63 18.28 -24.40
C ALA A 153 5.91 19.06 -24.77
N SER A 154 6.61 19.64 -23.81
CA SER A 154 7.80 20.41 -24.11
C SER A 154 8.85 19.58 -24.85
N PRO A 155 9.60 20.17 -25.79
CA PRO A 155 10.70 19.44 -26.44
C PRO A 155 11.89 19.27 -25.57
N HIS A 156 11.94 19.90 -24.39
CA HIS A 156 13.04 19.77 -23.45
C HIS A 156 12.66 18.74 -22.41
N ALA A 157 13.41 17.64 -22.39
CA ALA A 157 13.06 16.53 -21.51
C ALA A 157 13.11 16.93 -20.03
N HIS A 158 14.07 17.80 -19.64
CA HIS A 158 14.15 18.18 -18.23
C HIS A 158 12.96 19.06 -17.80
N ILE A 159 12.30 19.73 -18.73
CA ILE A 159 11.11 20.52 -18.41
C ILE A 159 9.88 19.61 -18.34
N SER A 160 9.73 18.73 -19.32
CA SER A 160 8.66 17.75 -19.28
C SER A 160 8.70 16.96 -17.97
N GLU A 161 9.91 16.52 -17.56
CA GLU A 161 10.04 15.74 -16.35
C GLU A 161 9.65 16.58 -15.15
N GLN A 162 10.05 17.86 -15.12
CA GLN A 162 9.70 18.68 -13.96
C GLN A 162 8.18 18.85 -13.85
N ALA A 163 7.49 18.98 -14.98
CA ALA A 163 6.03 19.04 -15.01
C ALA A 163 5.40 17.75 -14.53
N VAL A 164 5.93 16.60 -14.98
CA VAL A 164 5.51 15.31 -14.42
C VAL A 164 5.60 15.28 -12.89
N TRP A 165 6.74 15.70 -12.38
CA TRP A 165 6.98 15.72 -10.94
C TRP A 165 5.97 16.61 -10.23
N ALA A 166 5.77 17.81 -10.74
CA ALA A 166 4.86 18.74 -10.08
C ALA A 166 3.44 18.17 -10.05
N LEU A 167 3.02 17.54 -11.16
CA LEU A 167 1.67 16.97 -11.19
C LEU A 167 1.54 15.80 -10.24
N GLY A 168 2.64 15.06 -10.01
CA GLY A 168 2.64 14.01 -9.01
C GLY A 168 2.46 14.56 -7.61
N ASN A 169 3.10 15.71 -7.30
CA ASN A 169 2.90 16.29 -5.98
C ASN A 169 1.44 16.75 -5.80
N ILE A 170 0.89 17.37 -6.84
CA ILE A 170 -0.46 17.90 -6.75
C ILE A 170 -1.44 16.74 -6.57
N ALA A 171 -1.37 15.79 -7.46
CA ALA A 171 -2.24 14.61 -7.33
C ALA A 171 -2.03 13.86 -6.02
N GLY A 172 -0.78 13.76 -5.54
CA GLY A 172 -0.52 13.07 -4.28
C GLY A 172 -1.10 13.77 -3.05
N ASP A 173 -1.59 14.99 -3.23
CA ASP A 173 -2.23 15.63 -2.09
C ASP A 173 -3.47 14.85 -1.61
N GLY A 174 -4.24 14.29 -2.51
CA GLY A 174 -5.48 13.65 -2.11
C GLY A 174 -6.45 13.53 -3.28
N SER A 175 -7.60 12.90 -2.99
CA SER A 175 -8.47 12.47 -4.08
C SER A 175 -8.99 13.66 -4.88
N ALA A 176 -9.31 14.79 -4.21
CA ALA A 176 -9.88 15.91 -4.98
C ALA A 176 -8.87 16.46 -5.98
N PHE A 177 -7.61 16.72 -5.54
CA PHE A 177 -6.65 17.27 -6.51
C PHE A 177 -6.29 16.21 -7.56
N ARG A 178 -6.19 14.94 -7.15
CA ARG A 178 -5.99 13.88 -8.11
C ARG A 178 -7.02 13.97 -9.21
N ASP A 179 -8.29 13.99 -8.82
CA ASP A 179 -9.38 14.01 -9.80
C ASP A 179 -9.38 15.29 -10.59
N LEU A 180 -8.86 16.39 -10.01
CA LEU A 180 -8.82 17.63 -10.78
C LEU A 180 -7.71 17.59 -11.83
N VAL A 181 -6.56 17.01 -11.47
CA VAL A 181 -5.51 16.77 -12.45
C VAL A 181 -6.04 15.92 -13.60
N ILE A 182 -6.80 14.89 -13.28
CA ILE A 182 -7.37 14.03 -14.32
C ILE A 182 -8.35 14.81 -15.20
N LYS A 183 -9.21 15.64 -14.58
CA LYS A 183 -10.18 16.38 -15.37
C LYS A 183 -9.52 17.39 -16.30
N HIS A 184 -8.39 17.97 -15.90
CA HIS A 184 -7.69 18.87 -16.80
C HIS A 184 -6.97 18.13 -17.96
N GLY A 185 -7.02 16.81 -17.98
CA GLY A 185 -6.53 16.06 -19.11
C GLY A 185 -5.10 15.56 -18.99
N ALA A 186 -4.60 15.27 -17.77
CA ALA A 186 -3.20 14.91 -17.63
C ALA A 186 -2.89 13.51 -18.16
N ILE A 187 -3.85 12.59 -18.15
CA ILE A 187 -3.50 11.19 -18.37
C ILE A 187 -3.00 10.97 -19.79
N ASP A 188 -3.74 11.46 -20.81
CA ASP A 188 -3.30 11.27 -22.19
C ASP A 188 -1.86 11.67 -22.43
N PRO A 189 -1.43 12.89 -22.08
CA PRO A 189 -0.03 13.28 -22.38
C PRO A 189 0.98 12.57 -21.50
N LEU A 190 0.61 12.17 -20.27
CA LEU A 190 1.55 11.40 -19.48
C LEU A 190 1.79 10.05 -20.16
N LEU A 191 0.71 9.38 -20.53
CA LEU A 191 0.84 8.07 -21.15
C LEU A 191 1.57 8.18 -22.49
N ALA A 192 1.35 9.27 -23.21
CA ALA A 192 2.08 9.48 -24.47
C ALA A 192 3.58 9.53 -24.26
N LEU A 193 4.03 10.03 -23.13
CA LEU A 193 5.48 10.01 -22.88
C LEU A 193 6.06 8.60 -22.73
N LEU A 194 5.25 7.62 -22.39
CA LEU A 194 5.70 6.24 -22.22
C LEU A 194 5.37 5.37 -23.43
N ALA A 195 4.86 5.96 -24.52
CA ALA A 195 4.48 5.20 -25.74
C ALA A 195 5.71 5.04 -26.65
N VAL A 196 6.66 4.24 -26.18
CA VAL A 196 7.87 3.94 -26.91
C VAL A 196 7.98 2.43 -27.03
N PRO A 197 8.70 1.94 -28.03
CA PRO A 197 8.78 0.46 -28.17
C PRO A 197 9.49 -0.19 -27.01
N ASP A 198 10.45 0.47 -26.38
CA ASP A 198 11.22 -0.13 -25.30
C ASP A 198 11.49 0.93 -24.23
N LEU A 199 10.94 0.68 -23.04
CA LEU A 199 11.11 1.61 -21.92
C LEU A 199 12.57 1.86 -21.59
N SER A 200 13.47 0.95 -21.94
CA SER A 200 14.88 1.12 -21.59
C SER A 200 15.57 2.25 -22.35
N THR A 201 14.96 2.79 -23.41
CA THR A 201 15.56 3.95 -24.08
C THR A 201 15.31 5.26 -23.32
N LEU A 202 14.38 5.29 -22.38
CA LEU A 202 14.10 6.50 -21.63
C LEU A 202 15.14 6.67 -20.53
N ALA A 203 15.43 7.92 -20.21
CA ALA A 203 16.30 8.20 -19.08
C ALA A 203 15.69 7.63 -17.81
N CYS A 204 16.54 7.04 -16.98
CA CYS A 204 16.09 6.34 -15.79
C CYS A 204 15.34 7.27 -14.84
N GLY A 205 15.89 8.44 -14.52
CA GLY A 205 15.18 9.32 -13.60
C GLY A 205 13.84 9.77 -14.14
N TYR A 206 13.77 10.04 -15.45
CA TYR A 206 12.51 10.43 -16.09
C TYR A 206 11.45 9.31 -15.99
N LEU A 207 11.84 8.07 -16.31
CA LEU A 207 10.90 6.96 -16.20
C LEU A 207 10.43 6.77 -14.77
N ARG A 208 11.34 6.88 -13.80
CA ARG A 208 10.96 6.75 -12.41
C ARG A 208 9.93 7.80 -12.00
N ASN A 209 10.15 9.04 -12.41
CA ASN A 209 9.18 10.10 -12.12
C ASN A 209 7.85 9.88 -12.79
N LEU A 210 7.86 9.44 -14.05
CA LEU A 210 6.60 9.11 -14.71
C LEU A 210 5.84 8.00 -13.97
N THR A 211 6.54 6.91 -13.59
CA THR A 211 5.90 5.84 -12.85
C THR A 211 5.32 6.35 -11.51
N TRP A 212 6.10 7.14 -10.78
CA TRP A 212 5.67 7.68 -9.50
C TRP A 212 4.41 8.53 -9.66
N THR A 213 4.38 9.45 -10.63
CA THR A 213 3.21 10.28 -10.83
C THR A 213 2.01 9.45 -11.23
N LEU A 214 2.19 8.49 -12.13
CA LEU A 214 1.05 7.61 -12.44
C LEU A 214 0.54 6.87 -11.21
N SER A 215 1.46 6.45 -10.33
CA SER A 215 1.02 5.79 -9.12
C SER A 215 0.21 6.72 -8.24
N ASN A 216 0.54 8.01 -8.19
CA ASN A 216 -0.32 8.91 -7.41
C ASN A 216 -1.66 9.16 -8.07
N LEU A 217 -1.76 9.01 -9.40
CA LEU A 217 -3.12 9.10 -10.00
C LEU A 217 -3.96 7.88 -9.68
N CYS A 218 -3.33 6.80 -9.25
CA CYS A 218 -3.99 5.58 -8.83
C CYS A 218 -4.34 5.57 -7.35
N ARG A 219 -3.79 6.49 -6.59
CA ARG A 219 -3.79 6.47 -5.14
C ARG A 219 -5.00 7.17 -4.56
N ASN A 220 -5.33 6.79 -3.32
CA ASN A 220 -6.34 7.37 -2.45
C ASN A 220 -7.75 6.89 -2.73
N LYS A 221 -8.61 7.10 -1.75
CA LYS A 221 -9.93 6.53 -1.68
C LYS A 221 -10.90 7.60 -1.21
N ASN A 222 -12.17 7.26 -1.21
CA ASN A 222 -13.21 8.20 -0.82
C ASN A 222 -13.12 9.51 -1.63
N PRO A 223 -13.29 9.45 -2.94
CA PRO A 223 -13.50 8.26 -3.75
C PRO A 223 -12.16 7.68 -4.23
N ALA A 224 -12.25 6.45 -4.73
CA ALA A 224 -11.21 5.89 -5.57
C ALA A 224 -11.17 6.60 -6.92
N PRO A 225 -10.09 6.44 -7.66
CA PRO A 225 -9.98 7.13 -8.96
C PRO A 225 -11.10 6.74 -9.89
N PRO A 226 -11.43 7.60 -10.86
CA PRO A 226 -12.47 7.28 -11.84
C PRO A 226 -12.18 5.97 -12.55
N LEU A 227 -13.23 5.14 -12.69
CA LEU A 227 -13.05 3.85 -13.35
C LEU A 227 -12.42 3.99 -14.71
N ASP A 228 -12.87 4.97 -15.50
CA ASP A 228 -12.35 5.15 -16.86
C ASP A 228 -10.88 5.56 -16.85
N ALA A 229 -10.46 6.36 -15.89
CA ALA A 229 -9.04 6.69 -15.76
C ALA A 229 -8.19 5.47 -15.41
N VAL A 230 -8.70 4.62 -14.52
CA VAL A 230 -7.98 3.41 -14.16
C VAL A 230 -7.83 2.53 -15.39
N GLU A 231 -8.91 2.39 -16.18
CA GLU A 231 -8.83 1.54 -17.35
C GLU A 231 -7.84 2.08 -18.33
N GLN A 232 -7.76 3.41 -18.46
CA GLN A 232 -6.80 4.04 -19.34
C GLN A 232 -5.35 3.81 -18.91
N ILE A 233 -5.09 3.85 -17.60
CA ILE A 233 -3.72 3.73 -17.08
C ILE A 233 -3.26 2.29 -17.04
N LEU A 234 -4.14 1.36 -16.78
CA LEU A 234 -3.68 0.01 -16.46
C LEU A 234 -2.77 -0.65 -17.49
N PRO A 235 -2.99 -0.54 -18.80
CA PRO A 235 -2.06 -1.22 -19.73
C PRO A 235 -0.65 -0.71 -19.65
N THR A 236 -0.45 0.58 -19.35
CA THR A 236 0.89 1.10 -19.16
C THR A 236 1.46 0.63 -17.84
N LEU A 237 0.65 0.59 -16.80
CA LEU A 237 1.13 0.06 -15.54
C LEU A 237 1.56 -1.40 -15.70
N VAL A 238 0.79 -2.19 -16.45
CA VAL A 238 1.21 -3.57 -16.65
C VAL A 238 2.60 -3.62 -17.29
N ARG A 239 2.84 -2.75 -18.28
CA ARG A 239 4.15 -2.75 -18.92
C ARG A 239 5.24 -2.30 -17.96
N LEU A 240 4.95 -1.33 -17.10
CA LEU A 240 5.96 -0.85 -16.15
C LEU A 240 6.28 -1.92 -15.12
N LEU A 241 5.29 -2.72 -14.75
CA LEU A 241 5.55 -3.82 -13.82
C LEU A 241 6.51 -4.87 -14.36
N HIS A 242 6.78 -4.87 -15.67
CA HIS A 242 7.73 -5.81 -16.24
C HIS A 242 9.05 -5.15 -16.54
N HIS A 243 9.23 -3.90 -16.14
CA HIS A 243 10.47 -3.18 -16.39
C HIS A 243 11.50 -3.61 -15.35
N ASN A 244 12.76 -3.41 -15.65
CA ASN A 244 13.80 -3.98 -14.77
C ASN A 244 14.46 -2.95 -13.85
N ASP A 245 13.89 -1.82 -13.68
CA ASP A 245 14.49 -0.90 -12.68
C ASP A 245 13.80 -1.11 -11.33
N PRO A 246 14.53 -1.24 -10.23
CA PRO A 246 13.85 -1.52 -8.96
C PRO A 246 12.88 -0.42 -8.48
N GLU A 247 13.18 0.86 -8.72
CA GLU A 247 12.29 1.92 -8.28
C GLU A 247 11.02 1.99 -9.13
N VAL A 248 11.14 1.74 -10.45
CA VAL A 248 9.96 1.62 -11.29
C VAL A 248 9.09 0.45 -10.83
N LEU A 249 9.72 -0.68 -10.55
CA LEU A 249 8.97 -1.85 -10.10
C LEU A 249 8.26 -1.55 -8.78
N ALA A 250 8.95 -0.90 -7.85
CA ALA A 250 8.34 -0.58 -6.56
C ALA A 250 7.12 0.33 -6.73
N ASP A 251 7.27 1.42 -7.47
CA ASP A 251 6.13 2.31 -7.64
C ASP A 251 5.01 1.70 -8.48
N SER A 252 5.33 0.81 -9.45
CA SER A 252 4.30 0.10 -10.17
C SER A 252 3.51 -0.82 -9.24
N CYS A 253 4.23 -1.53 -8.35
CA CYS A 253 3.58 -2.33 -7.33
C CYS A 253 2.73 -1.47 -6.42
N TRP A 254 3.23 -0.28 -6.02
CA TRP A 254 2.42 0.56 -5.15
C TRP A 254 1.13 0.93 -5.88
N ALA A 255 1.24 1.30 -7.15
CA ALA A 255 0.04 1.66 -7.90
C ALA A 255 -0.96 0.50 -7.92
N ILE A 256 -0.47 -0.72 -8.15
CA ILE A 256 -1.40 -1.87 -8.17
C ILE A 256 -2.01 -2.11 -6.79
N SER A 257 -1.23 -1.89 -5.73
CA SER A 257 -1.74 -2.06 -4.37
C SER A 257 -2.82 -1.06 -4.06
N TYR A 258 -2.68 0.19 -4.56
CA TYR A 258 -3.80 1.14 -4.43
C TYR A 258 -5.04 0.65 -5.19
N LEU A 259 -4.85 0.24 -6.45
CA LEU A 259 -6.00 -0.12 -7.28
C LEU A 259 -6.75 -1.35 -6.77
N THR A 260 -6.13 -2.20 -5.96
CA THR A 260 -6.78 -3.41 -5.43
C THR A 260 -7.25 -3.23 -4.01
N ASP A 261 -7.09 -2.03 -3.46
CA ASP A 261 -7.57 -1.67 -2.13
C ASP A 261 -8.99 -1.11 -2.28
N GLY A 262 -9.98 -2.00 -2.29
CA GLY A 262 -11.36 -1.59 -2.43
C GLY A 262 -12.27 -2.75 -2.77
N PRO A 263 -13.41 -2.46 -3.42
CA PRO A 263 -14.37 -3.52 -3.73
C PRO A 263 -13.85 -4.52 -4.74
N ASN A 264 -14.57 -5.66 -4.80
CA ASN A 264 -14.09 -6.73 -5.64
C ASN A 264 -14.09 -6.36 -7.10
N GLU A 265 -14.96 -5.43 -7.53
CA GLU A 265 -14.95 -5.03 -8.93
C GLU A 265 -13.66 -4.34 -9.33
N ARG A 266 -13.06 -3.57 -8.40
CA ARG A 266 -11.77 -2.94 -8.65
C ARG A 266 -10.65 -3.98 -8.73
N ILE A 267 -10.68 -4.93 -7.79
CA ILE A 267 -9.74 -6.06 -7.82
C ILE A 267 -9.82 -6.76 -9.16
N GLU A 268 -11.06 -7.01 -9.64
CA GLU A 268 -11.26 -7.73 -10.87
C GLU A 268 -10.67 -6.98 -12.04
N MET A 269 -10.80 -5.64 -12.04
CA MET A 269 -10.20 -4.89 -13.13
C MET A 269 -8.71 -5.17 -13.23
N VAL A 270 -8.06 -5.28 -12.08
CA VAL A 270 -6.60 -5.53 -12.10
C VAL A 270 -6.29 -7.00 -12.46
N VAL A 271 -6.95 -7.92 -11.78
CA VAL A 271 -6.66 -9.35 -12.01
C VAL A 271 -6.91 -9.74 -13.47
N LYS A 272 -7.94 -9.16 -14.10
CA LYS A 272 -8.21 -9.48 -15.49
C LYS A 272 -7.08 -9.09 -16.42
N LYS A 273 -6.23 -8.16 -16.02
CA LYS A 273 -5.08 -7.79 -16.85
C LYS A 273 -3.96 -8.82 -16.79
N GLY A 274 -4.12 -9.85 -15.96
CA GLY A 274 -3.16 -10.93 -15.94
C GLY A 274 -1.90 -10.68 -15.15
N VAL A 275 -1.93 -9.72 -14.22
CA VAL A 275 -0.70 -9.33 -13.52
C VAL A 275 -0.35 -10.18 -12.32
N VAL A 276 -1.22 -11.08 -11.85
CA VAL A 276 -0.98 -11.79 -10.59
C VAL A 276 0.33 -12.57 -10.66
N PRO A 277 0.64 -13.26 -11.76
CA PRO A 277 1.94 -13.96 -11.83
C PRO A 277 3.14 -13.07 -11.70
N GLN A 278 3.14 -11.87 -12.31
CA GLN A 278 4.27 -10.96 -12.13
C GLN A 278 4.33 -10.45 -10.70
N LEU A 279 3.17 -10.20 -10.10
CA LEU A 279 3.17 -9.80 -8.68
C LEU A 279 3.80 -10.88 -7.80
N VAL A 280 3.51 -12.16 -8.07
CA VAL A 280 4.09 -13.23 -7.25
C VAL A 280 5.59 -13.34 -7.47
N LYS A 281 6.05 -13.14 -8.71
CA LYS A 281 7.47 -13.06 -8.95
C LYS A 281 8.12 -11.93 -8.14
N LEU A 282 7.46 -10.80 -8.11
CA LEU A 282 8.05 -9.65 -7.40
C LEU A 282 7.99 -9.86 -5.89
N LEU A 283 7.00 -10.61 -5.42
CA LEU A 283 6.94 -11.04 -4.03
C LEU A 283 8.20 -11.74 -3.64
N GLY A 284 8.83 -12.37 -4.61
CA GLY A 284 10.09 -13.02 -4.34
C GLY A 284 11.34 -12.20 -4.47
N ALA A 285 11.25 -10.90 -4.75
CA ALA A 285 12.45 -10.09 -4.98
C ALA A 285 13.28 -9.92 -3.70
N THR A 286 14.55 -9.58 -3.89
CA THR A 286 15.38 -9.37 -2.73
C THR A 286 15.23 -7.96 -2.17
N GLU A 287 14.74 -7.02 -2.97
CA GLU A 287 14.60 -5.64 -2.50
C GLU A 287 13.32 -5.49 -1.69
N LEU A 288 13.48 -5.10 -0.42
CA LEU A 288 12.33 -4.85 0.42
C LEU A 288 11.41 -3.76 -0.11
N PRO A 289 11.90 -2.70 -0.79
CA PRO A 289 10.97 -1.72 -1.39
C PRO A 289 10.08 -2.30 -2.46
N ILE A 290 10.42 -3.45 -3.03
CA ILE A 290 9.52 -4.12 -3.98
C ILE A 290 8.62 -5.10 -3.28
N VAL A 291 9.19 -5.90 -2.39
CA VAL A 291 8.39 -6.89 -1.69
C VAL A 291 7.24 -6.23 -0.93
N THR A 292 7.49 -5.10 -0.28
CA THR A 292 6.45 -4.48 0.53
C THR A 292 5.16 -4.18 -0.27
N PRO A 293 5.22 -3.45 -1.39
CA PRO A 293 3.98 -3.17 -2.14
C PRO A 293 3.49 -4.39 -2.90
N ALA A 294 4.37 -5.28 -3.39
CA ALA A 294 3.88 -6.51 -4.01
C ALA A 294 3.07 -7.33 -3.05
N LEU A 295 3.55 -7.48 -1.82
CA LEU A 295 2.78 -8.21 -0.80
C LEU A 295 1.48 -7.51 -0.43
N ARG A 296 1.48 -6.18 -0.34
CA ARG A 296 0.24 -5.46 -0.10
C ARG A 296 -0.78 -5.71 -1.21
N ALA A 297 -0.34 -5.75 -2.46
CA ALA A 297 -1.24 -5.96 -3.57
C ALA A 297 -1.80 -7.38 -3.53
N ILE A 298 -0.93 -8.36 -3.31
CA ILE A 298 -1.40 -9.76 -3.17
C ILE A 298 -2.40 -9.91 -2.02
N GLY A 299 -2.09 -9.31 -0.87
CA GLY A 299 -3.00 -9.31 0.26
C GLY A 299 -4.34 -8.72 -0.09
N ASN A 300 -4.34 -7.58 -0.81
CA ASN A 300 -5.59 -6.95 -1.21
C ASN A 300 -6.38 -7.89 -2.11
N ILE A 301 -5.71 -8.55 -3.07
CA ILE A 301 -6.41 -9.41 -4.01
C ILE A 301 -7.11 -10.55 -3.28
N VAL A 302 -6.44 -11.15 -2.30
CA VAL A 302 -7.10 -12.29 -1.60
C VAL A 302 -8.15 -11.81 -0.62
N THR A 303 -8.35 -10.50 -0.49
CA THR A 303 -9.56 -10.09 0.23
C THR A 303 -10.83 -10.18 -0.63
N GLY A 304 -10.71 -10.60 -1.89
CA GLY A 304 -11.77 -10.53 -2.86
C GLY A 304 -12.53 -11.86 -2.89
N THR A 305 -12.92 -12.29 -4.07
CA THR A 305 -13.73 -13.51 -4.18
C THR A 305 -12.83 -14.74 -4.06
N ASP A 306 -13.44 -15.91 -3.89
CA ASP A 306 -12.65 -17.12 -3.86
C ASP A 306 -11.96 -17.33 -5.17
N GLU A 307 -12.57 -16.91 -6.29
CA GLU A 307 -11.92 -17.08 -7.59
C GLU A 307 -10.70 -16.14 -7.76
N GLN A 308 -10.84 -14.90 -7.28
CA GLN A 308 -9.68 -14.00 -7.28
C GLN A 308 -8.55 -14.56 -6.41
N THR A 309 -8.87 -15.03 -5.20
CA THR A 309 -7.87 -15.70 -4.37
C THR A 309 -7.20 -16.86 -5.09
N GLN A 310 -7.99 -17.67 -5.79
CA GLN A 310 -7.41 -18.82 -6.47
C GLN A 310 -6.39 -18.42 -7.51
N LYS A 311 -6.57 -17.26 -8.13
CA LYS A 311 -5.54 -16.86 -9.09
C LYS A 311 -4.18 -16.64 -8.38
N VAL A 312 -4.20 -16.08 -7.17
CA VAL A 312 -2.97 -15.92 -6.40
C VAL A 312 -2.37 -17.29 -6.10
N ILE A 313 -3.20 -18.23 -5.65
CA ILE A 313 -2.70 -19.57 -5.35
C ILE A 313 -2.14 -20.24 -6.62
N ASP A 314 -2.89 -20.21 -7.73
CA ASP A 314 -2.43 -20.82 -8.97
C ASP A 314 -1.10 -20.26 -9.45
N ALA A 315 -0.86 -18.98 -9.16
CA ALA A 315 0.38 -18.35 -9.61
C ALA A 315 1.59 -18.73 -8.76
N GLY A 316 1.41 -19.49 -7.70
CA GLY A 316 2.56 -19.97 -6.94
C GLY A 316 2.87 -19.18 -5.68
N ALA A 317 1.94 -18.34 -5.21
CA ALA A 317 2.27 -17.42 -4.13
C ALA A 317 2.59 -18.14 -2.84
N LEU A 318 1.92 -19.27 -2.57
CA LEU A 318 2.10 -19.87 -1.27
C LEU A 318 3.51 -20.38 -1.05
N ALA A 319 4.25 -20.66 -2.12
CA ALA A 319 5.60 -21.15 -1.97
C ALA A 319 6.54 -20.07 -1.48
N VAL A 320 6.12 -18.79 -1.46
CA VAL A 320 6.96 -17.72 -0.92
C VAL A 320 6.69 -17.50 0.55
N PHE A 321 5.61 -18.06 1.10
CA PHE A 321 5.25 -17.69 2.44
C PHE A 321 6.14 -18.27 3.53
N PRO A 322 6.85 -19.37 3.33
CA PRO A 322 7.83 -19.75 4.38
C PRO A 322 8.78 -18.61 4.71
N SER A 323 9.28 -17.90 3.69
CA SER A 323 10.17 -16.76 3.90
C SER A 323 9.43 -15.54 4.43
N LEU A 324 8.25 -15.22 3.88
CA LEU A 324 7.54 -14.04 4.32
C LEU A 324 7.12 -14.16 5.75
N LEU A 325 6.69 -15.35 6.17
CA LEU A 325 6.22 -15.50 7.55
C LEU A 325 7.35 -15.58 8.56
N THR A 326 8.60 -15.62 8.09
CA THR A 326 9.74 -15.56 9.00
C THR A 326 10.60 -14.35 8.68
N ASN A 327 10.09 -13.41 7.91
CA ASN A 327 10.90 -12.29 7.44
C ASN A 327 11.30 -11.41 8.63
N PRO A 328 12.55 -10.96 8.66
CA PRO A 328 12.97 -10.13 9.79
C PRO A 328 12.29 -8.77 9.85
N LYS A 329 11.65 -8.29 8.78
CA LYS A 329 10.91 -7.02 8.87
C LYS A 329 9.53 -7.31 9.43
N THR A 330 9.23 -6.71 10.59
CA THR A 330 7.96 -6.94 11.27
C THR A 330 6.78 -6.67 10.37
N ASN A 331 6.82 -5.59 9.59
CA ASN A 331 5.68 -5.25 8.74
C ASN A 331 5.44 -6.32 7.66
N ILE A 332 6.49 -6.93 7.13
CA ILE A 332 6.32 -8.02 6.17
C ILE A 332 5.65 -9.22 6.84
N GLN A 333 6.15 -9.65 8.02
CA GLN A 333 5.53 -10.77 8.71
C GLN A 333 4.06 -10.50 8.99
N LYS A 334 3.75 -9.29 9.42
CA LYS A 334 2.37 -8.95 9.75
C LYS A 334 1.47 -9.00 8.52
N GLU A 335 1.90 -8.37 7.40
CA GLU A 335 1.10 -8.37 6.18
C GLU A 335 1.03 -9.73 5.52
N ALA A 336 2.06 -10.55 5.67
CA ALA A 336 1.99 -11.92 5.19
C ALA A 336 0.97 -12.73 5.98
N THR A 337 0.93 -12.53 7.30
CA THR A 337 -0.01 -13.28 8.12
C THR A 337 -1.44 -12.83 7.89
N TRP A 338 -1.66 -11.54 7.71
CA TRP A 338 -2.95 -11.03 7.28
C TRP A 338 -3.38 -11.68 5.97
N THR A 339 -2.48 -11.68 4.97
CA THR A 339 -2.79 -12.37 3.71
C THR A 339 -3.18 -13.82 3.97
N MET A 340 -2.39 -14.52 4.81
CA MET A 340 -2.73 -15.93 5.09
C MET A 340 -4.11 -16.07 5.70
N SER A 341 -4.49 -15.14 6.58
CA SER A 341 -5.80 -15.22 7.22
C SER A 341 -6.92 -15.04 6.21
N ASN A 342 -6.69 -14.28 5.15
CA ASN A 342 -7.71 -14.18 4.13
C ASN A 342 -7.68 -15.34 3.18
N ILE A 343 -6.58 -16.06 3.10
CA ILE A 343 -6.59 -17.29 2.35
C ILE A 343 -7.29 -18.38 3.17
N THR A 344 -7.07 -18.42 4.48
CA THR A 344 -7.73 -19.48 5.26
C THR A 344 -9.23 -19.22 5.42
N ALA A 345 -9.70 -18.02 5.10
CA ALA A 345 -11.13 -17.73 5.04
C ALA A 345 -11.77 -18.20 3.76
N GLY A 346 -11.03 -18.86 2.87
CA GLY A 346 -11.54 -19.35 1.62
C GLY A 346 -12.14 -20.76 1.70
N ARG A 347 -12.15 -21.43 0.57
CA ARG A 347 -12.77 -22.72 0.43
C ARG A 347 -11.90 -23.78 1.09
N GLN A 348 -12.51 -24.95 1.31
CA GLN A 348 -11.75 -26.08 1.83
C GLN A 348 -10.60 -26.50 0.93
N ASP A 349 -10.76 -26.47 -0.40
CA ASP A 349 -9.63 -26.85 -1.23
C ASP A 349 -8.49 -25.81 -1.18
N GLN A 350 -8.79 -24.56 -0.80
CA GLN A 350 -7.75 -23.54 -0.64
C GLN A 350 -7.03 -23.72 0.71
N ILE A 351 -7.79 -23.91 1.79
CA ILE A 351 -7.19 -24.41 3.03
C ILE A 351 -6.28 -25.60 2.76
N GLN A 352 -6.72 -26.52 1.91
CA GLN A 352 -5.89 -27.70 1.65
C GLN A 352 -4.58 -27.31 1.00
N GLN A 353 -4.60 -26.33 0.11
CA GLN A 353 -3.35 -25.86 -0.48
C GLN A 353 -2.40 -25.25 0.57
N VAL A 354 -2.94 -24.51 1.54
CA VAL A 354 -2.14 -24.02 2.67
C VAL A 354 -1.48 -25.18 3.40
N VAL A 355 -2.26 -26.20 3.72
CA VAL A 355 -1.73 -27.42 4.30
C VAL A 355 -0.63 -28.00 3.44
N ASN A 356 -0.89 -28.18 2.14
CA ASN A 356 0.07 -28.89 1.30
C ASN A 356 1.38 -28.14 1.16
N HIS A 357 1.33 -26.82 1.19
CA HIS A 357 2.56 -26.05 1.11
C HIS A 357 3.33 -25.99 2.41
N GLY A 358 2.86 -26.69 3.45
CA GLY A 358 3.56 -26.72 4.71
C GLY A 358 3.46 -25.48 5.53
N LEU A 359 2.35 -24.68 5.38
CA LEU A 359 2.28 -23.39 6.00
C LEU A 359 1.67 -23.44 7.37
N VAL A 360 1.01 -24.55 7.75
CA VAL A 360 0.43 -24.57 9.08
C VAL A 360 1.53 -24.51 10.13
N PRO A 361 2.62 -25.26 10.01
CA PRO A 361 3.71 -25.04 11.00
C PRO A 361 4.17 -23.60 11.11
N PHE A 362 4.19 -22.88 9.98
CA PHE A 362 4.63 -21.47 10.03
C PHE A 362 3.62 -20.61 10.73
N LEU A 363 2.32 -20.92 10.58
CA LEU A 363 1.32 -20.19 11.37
C LEU A 363 1.46 -20.51 12.85
N VAL A 364 1.74 -21.78 13.21
CA VAL A 364 2.01 -22.08 14.61
C VAL A 364 3.21 -21.29 15.12
N GLY A 365 4.26 -21.19 14.30
CA GLY A 365 5.42 -20.38 14.68
C GLY A 365 5.11 -18.93 14.94
N VAL A 366 4.36 -18.29 14.05
CA VAL A 366 4.00 -16.88 14.24
C VAL A 366 3.10 -16.70 15.46
N LEU A 367 2.13 -17.60 15.67
CA LEU A 367 1.37 -17.56 16.91
C LEU A 367 2.27 -17.71 18.14
N SER A 368 3.31 -18.53 18.06
CA SER A 368 4.15 -18.79 19.23
C SER A 368 5.04 -17.60 19.55
N LYS A 369 5.56 -16.94 18.52
CA LYS A 369 6.51 -15.87 18.78
C LYS A 369 6.48 -14.96 17.58
N ALA A 370 6.11 -13.70 17.81
CA ALA A 370 6.13 -12.65 16.80
C ALA A 370 5.67 -11.37 17.49
N ASP A 371 5.83 -10.27 16.81
CA ASP A 371 5.18 -9.02 17.24
C ASP A 371 3.71 -9.27 17.52
N PHE A 372 3.17 -8.61 18.55
CA PHE A 372 1.78 -8.82 18.93
C PHE A 372 0.79 -8.61 17.78
N LYS A 373 0.97 -7.55 17.00
CA LYS A 373 0.08 -7.31 15.84
C LYS A 373 0.07 -8.49 14.88
N THR A 374 1.25 -9.07 14.64
CA THR A 374 1.34 -10.27 13.80
C THR A 374 0.64 -11.46 14.45
N GLN A 375 0.85 -11.65 15.75
CA GLN A 375 0.17 -12.72 16.47
C GLN A 375 -1.34 -12.57 16.38
N LYS A 376 -1.85 -11.34 16.36
CA LYS A 376 -3.29 -11.12 16.21
C LYS A 376 -3.75 -11.56 14.85
N GLU A 377 -2.99 -11.21 13.81
CA GLU A 377 -3.36 -11.72 12.47
C GLU A 377 -3.31 -13.23 12.41
N ALA A 378 -2.35 -13.83 13.12
CA ALA A 378 -2.28 -15.28 13.10
C ALA A 378 -3.52 -15.89 13.78
N ALA A 379 -3.93 -15.31 14.89
CA ALA A 379 -5.13 -15.78 15.57
C ALA A 379 -6.32 -15.73 14.63
N TRP A 380 -6.45 -14.61 13.90
CA TRP A 380 -7.48 -14.54 12.88
C TRP A 380 -7.34 -15.65 11.86
N ALA A 381 -6.11 -15.93 11.41
CA ALA A 381 -5.93 -16.95 10.39
C ALA A 381 -6.41 -18.31 10.94
N ILE A 382 -6.18 -18.56 12.22
CA ILE A 382 -6.58 -19.83 12.80
C ILE A 382 -8.10 -19.89 12.94
N THR A 383 -8.72 -18.79 13.41
CA THR A 383 -10.19 -18.82 13.54
C THR A 383 -10.86 -19.00 12.19
N ASN A 384 -10.36 -18.33 11.16
CA ASN A 384 -10.91 -18.56 9.83
C ASN A 384 -10.71 -20.01 9.39
N TYR A 385 -9.50 -20.54 9.58
CA TYR A 385 -9.21 -21.92 9.22
C TYR A 385 -10.20 -22.87 9.88
N THR A 386 -10.43 -22.72 11.18
CA THR A 386 -11.25 -23.65 11.90
C THR A 386 -12.73 -23.44 11.63
N SER A 387 -13.12 -22.23 11.23
CA SER A 387 -14.50 -22.00 10.80
C SER A 387 -14.80 -22.65 9.46
N GLY A 388 -13.86 -22.64 8.53
CA GLY A 388 -14.10 -23.16 7.21
C GLY A 388 -13.60 -24.57 6.91
N GLY A 389 -12.72 -25.10 7.77
CA GLY A 389 -12.02 -26.32 7.40
C GLY A 389 -12.85 -27.59 7.67
N THR A 390 -12.44 -28.65 7.01
CA THR A 390 -12.91 -30.00 7.33
C THR A 390 -12.42 -30.48 8.69
N VAL A 391 -13.01 -31.59 9.18
CA VAL A 391 -12.57 -32.14 10.44
C VAL A 391 -11.12 -32.57 10.35
N GLU A 392 -10.74 -33.21 9.24
CA GLU A 392 -9.37 -33.68 9.02
C GLU A 392 -8.37 -32.51 9.06
N GLN A 393 -8.72 -31.40 8.44
CA GLN A 393 -7.87 -30.20 8.45
C GLN A 393 -7.72 -29.64 9.84
N ILE A 394 -8.79 -29.65 10.63
CA ILE A 394 -8.74 -29.11 11.98
C ILE A 394 -7.90 -30.01 12.89
N VAL A 395 -8.12 -31.31 12.77
CA VAL A 395 -7.28 -32.30 13.45
C VAL A 395 -5.80 -32.03 13.16
N TYR A 396 -5.48 -31.85 11.88
CA TYR A 396 -4.11 -31.57 11.48
C TYR A 396 -3.55 -30.36 12.21
N LEU A 397 -4.33 -29.28 12.28
CA LEU A 397 -3.94 -28.09 13.02
C LEU A 397 -3.54 -28.42 14.44
N VAL A 398 -4.34 -29.27 15.10
CA VAL A 398 -4.00 -29.62 16.46
C VAL A 398 -2.72 -30.45 16.52
N HIS A 399 -2.54 -31.38 15.58
CA HIS A 399 -1.32 -32.20 15.52
C HIS A 399 -0.07 -31.36 15.25
N CYS A 400 -0.23 -30.19 14.63
CA CYS A 400 0.91 -29.29 14.42
C CYS A 400 1.26 -28.45 15.62
N GLY A 401 0.50 -28.51 16.69
CA GLY A 401 0.84 -27.86 17.90
C GLY A 401 0.16 -26.52 18.14
N ILE A 402 -1.06 -26.34 17.61
CA ILE A 402 -1.68 -25.02 17.70
C ILE A 402 -2.16 -24.68 19.13
N ILE A 403 -2.46 -25.70 19.93
CA ILE A 403 -3.22 -25.45 21.16
C ILE A 403 -2.39 -24.65 22.15
N GLU A 404 -1.16 -25.05 22.40
CA GLU A 404 -0.42 -24.35 23.43
C GLU A 404 -0.20 -22.87 23.10
N PRO A 405 0.30 -22.49 21.93
CA PRO A 405 0.45 -21.05 21.66
C PRO A 405 -0.89 -20.31 21.68
N LEU A 406 -1.95 -20.94 21.17
CA LEU A 406 -3.28 -20.33 21.26
C LEU A 406 -3.63 -20.02 22.72
N MET A 407 -3.45 -21.01 23.60
CA MET A 407 -3.75 -20.79 25.02
C MET A 407 -2.87 -19.71 25.62
N ASN A 408 -1.59 -19.67 25.23
CA ASN A 408 -0.72 -18.64 25.80
C ASN A 408 -1.19 -17.24 25.43
N LEU A 409 -1.84 -17.10 24.27
CA LEU A 409 -2.29 -15.76 23.88
C LEU A 409 -3.56 -15.30 24.60
N LEU A 410 -4.16 -16.15 25.43
CA LEU A 410 -5.30 -15.72 26.22
C LEU A 410 -4.89 -14.81 27.37
N SER A 411 -3.60 -14.64 27.60
CA SER A 411 -3.08 -13.71 28.60
C SER A 411 -2.96 -12.29 28.09
N ALA A 412 -3.33 -12.02 26.84
CA ALA A 412 -3.20 -10.69 26.27
C ALA A 412 -4.28 -9.77 26.82
N LYS A 413 -3.97 -8.47 26.84
CA LYS A 413 -4.90 -7.46 27.35
C LYS A 413 -5.81 -6.91 26.27
N ASP A 414 -5.83 -7.54 25.10
CA ASP A 414 -6.61 -7.09 23.95
C ASP A 414 -7.87 -7.94 23.88
N THR A 415 -9.03 -7.29 23.97
CA THR A 415 -10.28 -8.04 24.05
C THR A 415 -10.58 -8.76 22.73
N LYS A 416 -10.28 -8.13 21.59
CA LYS A 416 -10.64 -8.72 20.31
C LYS A 416 -9.88 -10.03 20.09
N ILE A 417 -8.60 -10.08 20.44
CA ILE A 417 -7.86 -11.31 20.18
C ILE A 417 -8.40 -12.43 21.08
N ILE A 418 -8.83 -12.12 22.30
CA ILE A 418 -9.43 -13.13 23.17
C ILE A 418 -10.70 -13.68 22.54
N GLN A 419 -11.57 -12.79 22.05
CA GLN A 419 -12.78 -13.28 21.38
C GLN A 419 -12.43 -14.20 20.22
N VAL A 420 -11.43 -13.81 19.42
CA VAL A 420 -11.04 -14.61 18.25
C VAL A 420 -10.54 -15.98 18.69
N ILE A 421 -9.73 -16.02 19.74
CA ILE A 421 -9.15 -17.29 20.18
C ILE A 421 -10.24 -18.21 20.74
N LEU A 422 -11.17 -17.64 21.53
CA LEU A 422 -12.27 -18.44 22.05
C LEU A 422 -13.12 -19.02 20.93
N ASP A 423 -13.39 -18.22 19.89
CA ASP A 423 -14.12 -18.79 18.76
C ASP A 423 -13.35 -19.95 18.14
N ALA A 424 -12.04 -19.79 17.97
CA ALA A 424 -11.26 -20.89 17.39
C ALA A 424 -11.35 -22.14 18.25
N ILE A 425 -11.19 -21.99 19.57
CA ILE A 425 -11.24 -23.14 20.47
C ILE A 425 -12.60 -23.83 20.36
N SER A 426 -13.68 -23.04 20.28
CA SER A 426 -15.00 -23.61 20.07
C SER A 426 -15.05 -24.42 18.79
N ASN A 427 -14.54 -23.87 17.68
CA ASN A 427 -14.58 -24.62 16.42
C ASN A 427 -13.80 -25.92 16.53
N ILE A 428 -12.68 -25.90 17.24
CA ILE A 428 -11.88 -27.11 17.37
C ILE A 428 -12.65 -28.13 18.19
N PHE A 429 -13.28 -27.68 19.28
CA PHE A 429 -14.12 -28.56 20.09
C PHE A 429 -15.25 -29.15 19.27
N GLN A 430 -15.86 -28.37 18.37
CA GLN A 430 -16.88 -28.93 17.49
C GLN A 430 -16.34 -30.07 16.64
N ALA A 431 -15.15 -29.89 16.06
CA ALA A 431 -14.56 -30.98 15.29
C ALA A 431 -14.32 -32.20 16.18
N ALA A 432 -13.84 -31.95 17.40
CA ALA A 432 -13.57 -33.02 18.33
C ALA A 432 -14.85 -33.77 18.68
N GLU A 433 -15.95 -33.03 18.87
CA GLU A 433 -17.26 -33.61 19.11
C GLU A 433 -17.61 -34.59 18.01
N LYS A 434 -17.40 -34.20 16.76
CA LYS A 434 -17.71 -35.13 15.68
C LYS A 434 -16.82 -36.37 15.71
N LEU A 435 -15.61 -36.27 16.26
CA LEU A 435 -14.81 -37.48 16.36
C LEU A 435 -14.96 -38.23 17.68
N GLY A 436 -15.70 -37.67 18.64
CA GLY A 436 -15.78 -38.25 19.97
C GLY A 436 -14.55 -38.07 20.83
N GLU A 437 -13.75 -37.04 20.55
CA GLU A 437 -12.47 -36.85 21.22
C GLU A 437 -12.44 -35.59 22.06
N THR A 438 -13.59 -35.09 22.47
CA THR A 438 -13.61 -33.84 23.21
C THR A 438 -12.79 -33.95 24.49
N GLU A 439 -12.87 -35.08 25.17
CA GLU A 439 -12.12 -35.24 26.43
C GLU A 439 -10.62 -35.17 26.18
N LYS A 440 -10.13 -35.84 25.14
CA LYS A 440 -8.70 -35.76 24.80
C LYS A 440 -8.26 -34.30 24.64
N LEU A 441 -9.07 -33.51 23.93
CA LEU A 441 -8.77 -32.10 23.74
C LEU A 441 -8.81 -31.35 25.05
N SER A 442 -9.78 -31.66 25.91
CA SER A 442 -9.88 -31.01 27.21
C SER A 442 -8.63 -31.25 28.02
N ILE A 443 -8.11 -32.48 27.98
CA ILE A 443 -6.89 -32.80 28.71
C ILE A 443 -5.75 -31.98 28.16
N MET A 444 -5.64 -31.89 26.84
CA MET A 444 -4.55 -31.11 26.25
C MET A 444 -4.63 -29.65 26.69
N ILE A 445 -5.84 -29.08 26.68
CA ILE A 445 -6.01 -27.69 27.09
C ILE A 445 -5.67 -27.52 28.56
N GLU A 446 -5.99 -28.53 29.39
CA GLU A 446 -5.69 -28.43 30.82
C GLU A 446 -4.19 -28.57 31.08
N GLU A 447 -3.52 -29.43 30.31
CA GLU A 447 -2.13 -29.75 30.58
C GLU A 447 -1.21 -28.55 30.33
N CYS A 448 -1.56 -27.67 29.39
CA CYS A 448 -0.71 -26.55 29.05
C CYS A 448 -1.09 -25.27 29.78
N GLY A 449 -2.06 -25.33 30.69
CA GLY A 449 -2.47 -24.15 31.42
C GLY A 449 -3.65 -23.42 30.84
N GLY A 450 -4.33 -24.00 29.85
CA GLY A 450 -5.41 -23.29 29.18
C GLY A 450 -6.68 -23.22 29.99
N LEU A 451 -6.97 -24.28 30.76
CA LEU A 451 -8.18 -24.27 31.57
C LEU A 451 -8.16 -23.15 32.59
N ASP A 452 -7.01 -22.91 33.22
CA ASP A 452 -6.89 -21.79 34.15
C ASP A 452 -7.22 -20.46 33.48
N LYS A 453 -6.67 -20.24 32.28
CA LYS A 453 -6.93 -18.98 31.57
C LYS A 453 -8.40 -18.82 31.21
N ILE A 454 -9.06 -19.88 30.75
CA ILE A 454 -10.47 -19.78 30.40
C ILE A 454 -11.33 -19.54 31.64
N GLU A 455 -11.03 -20.24 32.73
CA GLU A 455 -11.78 -20.04 33.97
C GLU A 455 -11.66 -18.58 34.41
N ALA A 456 -10.43 -18.05 34.42
CA ALA A 456 -10.24 -16.64 34.70
C ALA A 456 -11.11 -15.76 33.82
N LEU A 457 -11.19 -16.08 32.52
CA LEU A 457 -11.94 -15.24 31.60
C LEU A 457 -13.45 -15.26 31.86
N GLN A 458 -13.95 -16.25 32.60
CA GLN A 458 -15.35 -16.15 33.04
C GLN A 458 -15.65 -14.79 33.70
N ARG A 459 -14.68 -14.25 34.46
CA ARG A 459 -14.88 -12.99 35.21
C ARG A 459 -14.22 -11.81 34.49
N HIS A 460 -14.65 -11.56 33.25
CA HIS A 460 -14.02 -10.57 32.37
C HIS A 460 -15.01 -9.46 32.03
N GLU A 461 -14.48 -8.23 31.93
CA GLU A 461 -15.33 -7.06 31.73
C GLU A 461 -16.23 -7.21 30.51
N ASN A 462 -15.64 -7.57 29.37
CA ASN A 462 -16.45 -7.73 28.16
C ASN A 462 -17.42 -8.88 28.34
N GLU A 463 -18.67 -8.68 27.89
CA GLU A 463 -19.70 -9.67 28.11
C GLU A 463 -19.52 -10.89 27.21
N SER A 464 -19.11 -10.66 25.96
CA SER A 464 -18.96 -11.77 25.02
C SER A 464 -17.86 -12.73 25.47
N VAL A 465 -16.78 -12.20 26.03
CA VAL A 465 -15.72 -13.03 26.59
C VAL A 465 -16.27 -13.91 27.70
N TYR A 466 -16.96 -13.31 28.67
CA TYR A 466 -17.49 -14.09 29.80
C TYR A 466 -18.44 -15.16 29.32
N LYS A 467 -19.35 -14.80 28.40
CA LYS A 467 -20.29 -15.78 27.87
C LYS A 467 -19.57 -16.94 27.23
N ALA A 468 -18.58 -16.64 26.38
CA ALA A 468 -17.85 -17.69 25.66
C ALA A 468 -17.08 -18.60 26.62
N SER A 469 -16.41 -18.01 27.61
CA SER A 469 -15.65 -18.81 28.55
C SER A 469 -16.56 -19.74 29.33
N LEU A 470 -17.63 -19.18 29.92
CA LEU A 470 -18.56 -20.00 30.70
C LEU A 470 -19.14 -21.11 29.85
N ASN A 471 -19.53 -20.81 28.60
CA ASN A 471 -20.07 -21.85 27.73
C ASN A 471 -19.05 -22.98 27.54
N LEU A 472 -17.79 -22.63 27.28
CA LEU A 472 -16.77 -23.65 27.09
C LEU A 472 -16.62 -24.53 28.33
N ILE A 473 -16.54 -23.89 29.50
CA ILE A 473 -16.31 -24.64 30.74
C ILE A 473 -17.49 -25.56 31.03
N GLU A 474 -18.71 -25.02 31.00
CA GLU A 474 -19.89 -25.83 31.26
C GLU A 474 -19.96 -27.00 30.30
N LYS A 475 -19.60 -26.80 29.03
CA LYS A 475 -19.84 -27.86 28.07
C LYS A 475 -18.73 -28.90 28.05
N TYR A 476 -17.47 -28.51 28.29
CA TYR A 476 -16.35 -29.42 28.10
C TYR A 476 -15.49 -29.63 29.33
N PHE A 477 -15.57 -28.77 30.33
CA PHE A 477 -14.74 -28.92 31.51
C PHE A 477 -15.60 -29.04 32.77
N GLY B 2 -14.85 -14.96 7.30
CA GLY B 2 -14.94 -14.15 6.10
C GLY B 2 -13.73 -13.23 5.95
N LYS B 3 -13.59 -12.66 4.75
CA LYS B 3 -12.43 -11.84 4.42
C LYS B 3 -12.44 -10.54 5.21
N ARG B 4 -11.24 -9.97 5.40
CA ARG B 4 -11.05 -8.72 6.12
C ARG B 4 -10.22 -7.80 5.24
N LYS B 5 -10.82 -6.70 4.77
CA LYS B 5 -10.12 -5.72 3.94
C LYS B 5 -9.37 -4.72 4.81
N SER C 1 10.49 5.51 -3.57
CA SER C 1 9.22 5.00 -4.08
C SER C 1 8.14 5.03 -3.01
N GLY C 2 6.87 5.28 -3.40
CA GLY C 2 5.73 5.24 -2.48
C GLY C 2 5.41 6.54 -1.74
N LYS C 3 6.22 7.58 -1.89
CA LYS C 3 5.99 8.82 -1.15
C LYS C 3 4.78 9.54 -1.72
N ARG C 4 3.99 10.19 -0.84
CA ARG C 4 2.88 11.03 -1.32
C ARG C 4 3.38 12.21 -2.15
N LYS C 5 4.43 12.89 -1.65
CA LYS C 5 4.97 14.09 -2.25
C LYS C 5 6.49 14.03 -2.14
N LYS C 6 7.17 14.71 -3.05
CA LYS C 6 8.63 14.62 -3.18
C LYS C 6 9.14 16.02 -3.45
N ILE C 7 10.12 16.47 -2.69
CA ILE C 7 10.75 17.77 -2.90
C ILE C 7 11.99 17.51 -3.74
N ARG C 8 12.31 18.40 -4.68
CA ARG C 8 13.50 18.23 -5.48
C ARG C 8 14.64 19.07 -4.89
N THR C 9 15.69 18.39 -4.46
CA THR C 9 16.86 19.08 -3.92
C THR C 9 18.04 18.94 -4.92
#